data_9JPE
#
_entry.id   9JPE
#
_cell.length_a   80.582
_cell.length_b   80.582
_cell.length_c   51.349
_cell.angle_alpha   90.000
_cell.angle_beta   90.000
_cell.angle_gamma   90.000
#
_symmetry.space_group_name_H-M   'P 43 21 2'
#
loop_
_entity.id
_entity.type
_entity.pdbx_description
1 polymer 'histidine kinase'
2 non-polymer Noradrenaline
#
_entity_poly.entity_id   1
_entity_poly.type   'polypeptide(L)'
_entity_poly.pdbx_seq_one_letter_code
;MGATTPSANQNWRLLRDESAQLRIADVLQRKEQFRPLAKRSFIFPASPQAVWLQVQLPAQKVPSWLWIFAPRVQYLDYYL
VQDGQLVRDQHTGESRPFQERPLPSRSYLFSLPVDGKPMTLYVRMTSNHPLMAWFDQIDEAGLVGLEHHHHHH
;
_entity_poly.pdbx_strand_id   A
#
loop_
_chem_comp.id
_chem_comp.type
_chem_comp.name
_chem_comp.formula
E5E non-polymer Noradrenaline 'C8 H12 N O3 1'
#
# COMPACT_ATOMS: atom_id res chain seq x y z
N GLN A 10 -0.67 -13.98 9.18
CA GLN A 10 -1.05 -12.56 9.27
C GLN A 10 -1.91 -12.14 8.09
N ASN A 11 -2.27 -10.85 8.07
CA ASN A 11 -3.04 -10.26 6.97
C ASN A 11 -2.25 -9.20 6.21
N TRP A 12 -0.97 -9.00 6.53
CA TRP A 12 -0.09 -8.11 5.77
C TRP A 12 0.71 -8.99 4.82
N ARG A 13 0.29 -9.02 3.55
CA ARG A 13 0.70 -10.04 2.61
C ARG A 13 1.32 -9.40 1.38
N LEU A 14 2.11 -10.18 0.64
CA LEU A 14 2.87 -9.63 -0.48
C LEU A 14 2.70 -10.52 -1.70
N LEU A 15 3.12 -9.98 -2.84
CA LEU A 15 3.05 -10.69 -4.12
C LEU A 15 4.04 -10.08 -5.10
N ARG A 16 4.93 -10.89 -5.63
CA ARG A 16 5.97 -10.45 -6.56
C ARG A 16 5.50 -10.72 -7.99
N ASP A 17 5.35 -9.65 -8.78
CA ASP A 17 4.94 -9.73 -10.18
C ASP A 17 6.18 -9.46 -11.03
N GLU A 18 6.82 -10.54 -11.50
CA GLU A 18 8.05 -10.40 -12.26
C GLU A 18 7.80 -9.89 -13.67
N SER A 19 6.60 -10.14 -14.21
CA SER A 19 6.24 -9.60 -15.52
C SER A 19 5.93 -8.11 -15.46
N ALA A 20 5.43 -7.64 -14.31
CA ALA A 20 5.00 -6.26 -14.06
C ALA A 20 3.73 -5.89 -14.82
N GLN A 21 3.00 -6.87 -15.37
CA GLN A 21 1.83 -6.61 -16.19
C GLN A 21 0.51 -6.83 -15.46
N LEU A 22 0.52 -7.48 -14.30
CA LEU A 22 -0.73 -7.71 -13.59
C LEU A 22 -1.36 -6.41 -13.14
N ARG A 23 -2.67 -6.30 -13.31
CA ARG A 23 -3.44 -5.13 -12.92
C ARG A 23 -4.26 -5.43 -11.68
N ILE A 24 -5.07 -4.45 -11.26
CA ILE A 24 -5.92 -4.60 -10.08
C ILE A 24 -6.93 -5.72 -10.26
N ALA A 25 -7.56 -5.79 -11.44
CA ALA A 25 -8.45 -6.91 -11.72
C ALA A 25 -7.69 -8.22 -11.72
N ASP A 26 -6.55 -8.23 -12.43
CA ASP A 26 -5.74 -9.44 -12.49
C ASP A 26 -5.26 -9.88 -11.11
N VAL A 27 -4.94 -8.90 -10.26
CA VAL A 27 -4.47 -9.23 -8.91
C VAL A 27 -5.60 -9.76 -8.06
N LEU A 28 -6.77 -9.12 -8.12
CA LEU A 28 -7.95 -9.64 -7.43
C LEU A 28 -8.37 -11.01 -7.94
N GLN A 29 -7.92 -11.40 -9.14
CA GLN A 29 -8.15 -12.77 -9.61
C GLN A 29 -7.09 -13.75 -9.09
N ARG A 30 -6.09 -13.28 -8.36
CA ARG A 30 -5.03 -14.13 -7.83
C ARG A 30 -4.88 -13.94 -6.31
N LYS A 31 -5.99 -13.88 -5.58
CA LYS A 31 -5.88 -13.59 -4.14
C LYS A 31 -5.18 -14.70 -3.38
N GLU A 32 -5.25 -15.94 -3.87
CA GLU A 32 -4.69 -17.08 -3.17
C GLU A 32 -3.18 -17.21 -3.32
N GLN A 33 -2.54 -16.36 -4.11
CA GLN A 33 -1.10 -16.39 -4.27
C GLN A 33 -0.37 -15.42 -3.34
N PHE A 34 -1.10 -14.53 -2.66
CA PHE A 34 -0.49 -13.67 -1.66
C PHE A 34 -0.03 -14.51 -0.46
N ARG A 35 1.03 -14.06 0.18
CA ARG A 35 1.68 -14.86 1.22
C ARG A 35 2.10 -13.97 2.39
N PRO A 36 2.07 -14.53 3.61
CA PRO A 36 2.29 -13.69 4.80
C PRO A 36 3.71 -13.16 4.88
N LEU A 37 3.83 -11.95 5.40
CA LEU A 37 5.12 -11.30 5.59
C LEU A 37 5.61 -11.56 7.02
N ALA A 38 6.90 -11.90 7.14
CA ALA A 38 7.48 -12.07 8.46
C ALA A 38 7.68 -10.74 9.18
N LYS A 39 7.60 -9.63 8.45
CA LYS A 39 7.79 -8.30 9.00
C LYS A 39 6.95 -7.32 8.20
N ARG A 40 6.85 -6.08 8.72
CA ARG A 40 6.06 -5.03 8.09
C ARG A 40 6.89 -4.15 7.16
N SER A 41 7.92 -4.72 6.52
CA SER A 41 8.72 -3.98 5.55
C SER A 41 9.32 -4.99 4.57
N PHE A 42 9.99 -4.45 3.55
CA PHE A 42 10.73 -5.28 2.61
C PHE A 42 11.77 -4.41 1.93
N ILE A 43 12.71 -5.05 1.26
CA ILE A 43 13.64 -4.38 0.35
C ILE A 43 14.05 -5.37 -0.72
N PHE A 44 14.04 -4.93 -1.97
CA PHE A 44 14.44 -5.76 -3.09
C PHE A 44 15.36 -4.94 -3.98
N PRO A 45 16.49 -5.49 -4.44
CA PRO A 45 17.38 -4.74 -5.32
C PRO A 45 16.69 -4.35 -6.62
N ALA A 46 17.30 -3.42 -7.34
CA ALA A 46 16.66 -2.82 -8.52
C ALA A 46 16.30 -3.88 -9.56
N SER A 47 15.01 -3.94 -9.89
CA SER A 47 14.47 -4.87 -10.88
C SER A 47 13.18 -4.29 -11.44
N PRO A 48 12.69 -4.77 -12.60
CA PRO A 48 11.44 -4.23 -13.15
C PRO A 48 10.22 -4.99 -12.65
N GLN A 49 10.30 -5.50 -11.42
CA GLN A 49 9.21 -6.24 -10.81
C GLN A 49 8.26 -5.30 -10.09
N ALA A 50 7.00 -5.66 -10.07
CA ALA A 50 5.99 -4.97 -9.27
C ALA A 50 5.82 -5.71 -7.96
N VAL A 51 5.70 -4.97 -6.87
CA VAL A 51 5.48 -5.56 -5.55
C VAL A 51 4.10 -5.12 -5.09
N TRP A 52 3.24 -6.10 -4.81
CA TRP A 52 1.85 -5.87 -4.42
C TRP A 52 1.66 -6.25 -2.96
N LEU A 53 1.16 -5.31 -2.18
CA LEU A 53 0.87 -5.52 -0.77
C LEU A 53 -0.64 -5.59 -0.57
N GLN A 54 -1.09 -6.58 0.19
CA GLN A 54 -2.50 -6.79 0.49
C GLN A 54 -2.71 -6.80 1.99
N VAL A 55 -3.66 -6.00 2.46
CA VAL A 55 -3.93 -5.84 3.89
C VAL A 55 -5.43 -6.00 4.13
N GLN A 56 -5.82 -7.05 4.85
CA GLN A 56 -7.21 -7.23 5.24
C GLN A 56 -7.40 -6.79 6.68
N LEU A 57 -8.31 -5.84 6.89
CA LEU A 57 -8.59 -5.25 8.20
C LEU A 57 -10.04 -5.49 8.60
N PRO A 58 -10.30 -5.76 9.87
CA PRO A 58 -11.68 -5.84 10.36
C PRO A 58 -12.29 -4.45 10.41
N ALA A 59 -13.58 -4.41 10.75
CA ALA A 59 -14.30 -3.14 10.84
C ALA A 59 -13.57 -2.19 11.79
N GLN A 60 -13.40 -0.95 11.34
CA GLN A 60 -12.63 0.04 12.08
C GLN A 60 -13.54 0.88 12.95
N LYS A 61 -13.06 1.22 14.15
CA LYS A 61 -13.85 1.95 15.13
C LYS A 61 -13.38 3.39 15.35
N VAL A 62 -12.15 3.72 14.98
CA VAL A 62 -11.60 5.05 15.18
C VAL A 62 -10.88 5.49 13.92
N PRO A 63 -10.72 6.80 13.74
CA PRO A 63 -10.02 7.29 12.54
C PRO A 63 -8.57 6.82 12.53
N SER A 64 -8.17 6.19 11.43
CA SER A 64 -6.83 5.61 11.32
C SER A 64 -6.33 5.79 9.89
N TRP A 65 -5.03 5.53 9.70
CA TRP A 65 -4.37 5.73 8.41
C TRP A 65 -3.32 4.64 8.17
N LEU A 66 -3.25 4.18 6.92
CA LEU A 66 -2.13 3.36 6.48
C LEU A 66 -0.99 4.28 6.05
N TRP A 67 0.14 4.17 6.74
CA TRP A 67 1.35 4.90 6.46
C TRP A 67 2.32 4.02 5.69
N ILE A 68 2.89 4.58 4.63
CA ILE A 68 3.88 3.89 3.80
C ILE A 68 5.02 4.85 3.52
N PHE A 69 6.21 4.53 4.03
CA PHE A 69 7.45 5.26 3.72
C PHE A 69 8.17 4.46 2.65
N ALA A 70 8.10 4.94 1.41
CA ALA A 70 8.63 4.25 0.24
C ALA A 70 9.66 5.14 -0.44
N PRO A 71 10.88 5.20 0.10
CA PRO A 71 11.92 6.01 -0.55
C PRO A 71 12.29 5.44 -1.91
N ARG A 72 12.58 6.35 -2.85
CA ARG A 72 13.06 6.00 -4.18
C ARG A 72 12.04 5.20 -4.99
N VAL A 73 10.77 5.18 -4.57
CA VAL A 73 9.73 4.43 -5.27
C VAL A 73 9.09 5.36 -6.31
N GLN A 74 9.12 4.94 -7.58
CA GLN A 74 8.71 5.80 -8.68
C GLN A 74 7.20 5.81 -8.85
N TYR A 75 6.58 4.65 -8.99
CA TYR A 75 5.14 4.53 -9.19
C TYR A 75 4.53 3.73 -8.04
N LEU A 76 3.41 4.22 -7.51
CA LEU A 76 2.69 3.55 -6.43
C LEU A 76 1.20 3.73 -6.66
N ASP A 77 0.48 2.62 -6.80
CA ASP A 77 -0.96 2.65 -7.03
C ASP A 77 -1.68 2.00 -5.85
N TYR A 78 -2.74 2.65 -5.38
CA TYR A 78 -3.44 2.27 -4.16
C TYR A 78 -4.89 1.97 -4.49
N TYR A 79 -5.40 0.86 -3.97
CA TYR A 79 -6.74 0.38 -4.27
C TYR A 79 -7.36 -0.13 -2.97
N LEU A 80 -8.65 0.16 -2.79
CA LEU A 80 -9.38 -0.26 -1.60
C LEU A 80 -10.60 -1.06 -2.02
N VAL A 81 -10.84 -2.18 -1.32
CA VAL A 81 -11.86 -3.14 -1.67
C VAL A 81 -12.79 -3.36 -0.47
N GLN A 82 -14.09 -3.20 -0.70
CA GLN A 82 -15.12 -3.42 0.31
C GLN A 82 -16.39 -3.91 -0.38
N ASP A 83 -16.97 -5.00 0.13
CA ASP A 83 -18.12 -5.66 -0.49
C ASP A 83 -17.85 -5.96 -1.96
N GLY A 84 -16.63 -6.42 -2.25
CA GLY A 84 -16.24 -6.73 -3.61
C GLY A 84 -16.16 -5.56 -4.55
N GLN A 85 -16.27 -4.33 -4.03
CA GLN A 85 -16.21 -3.13 -4.85
C GLN A 85 -14.95 -2.32 -4.56
N LEU A 86 -14.49 -1.64 -5.60
CA LEU A 86 -13.40 -0.68 -5.50
C LEU A 86 -13.99 0.66 -5.06
N VAL A 87 -13.83 1.00 -3.79
CA VAL A 87 -14.35 2.25 -3.28
C VAL A 87 -13.37 3.41 -3.51
N ARG A 88 -12.06 3.15 -3.42
CA ARG A 88 -11.06 4.16 -3.69
C ARG A 88 -9.95 3.58 -4.58
N ASP A 89 -9.44 4.44 -5.46
CA ASP A 89 -8.40 4.08 -6.43
C ASP A 89 -7.56 5.33 -6.67
N GLN A 90 -6.38 5.38 -6.08
CA GLN A 90 -5.52 6.57 -6.11
C GLN A 90 -4.15 6.20 -6.67
N HIS A 91 -3.69 6.93 -7.67
CA HIS A 91 -2.41 6.66 -8.31
C HIS A 91 -1.46 7.82 -8.06
N THR A 92 -0.27 7.52 -7.52
CA THR A 92 0.73 8.57 -7.26
C THR A 92 2.09 7.96 -7.35
N GLY A 93 3.09 8.64 -6.78
CA GLY A 93 4.48 8.13 -6.80
C GLY A 93 5.47 9.26 -7.00
N GLU A 94 6.74 9.00 -6.71
CA GLU A 94 7.78 10.04 -6.88
C GLU A 94 7.87 10.34 -8.37
N SER A 95 7.88 9.30 -9.22
CA SER A 95 7.86 9.56 -10.68
C SER A 95 6.59 10.34 -11.00
N ARG A 96 5.55 10.16 -10.19
CA ARG A 96 4.32 10.97 -10.40
C ARG A 96 4.63 12.41 -9.94
N PRO A 97 4.09 13.43 -10.60
CA PRO A 97 4.42 14.80 -10.25
C PRO A 97 3.48 15.36 -9.21
N PHE A 98 3.91 16.42 -8.52
CA PHE A 98 3.02 17.09 -7.55
C PHE A 98 2.73 16.16 -6.40
N GLN A 99 1.45 15.83 -6.22
CA GLN A 99 1.05 14.91 -5.12
C GLN A 99 1.56 15.50 -3.80
N GLU A 100 1.88 16.80 -3.79
CA GLU A 100 2.47 17.41 -2.57
C GLU A 100 1.62 17.12 -1.33
N ARG A 101 2.25 16.78 -0.20
CA ARG A 101 1.51 16.62 1.08
C ARG A 101 2.44 17.11 2.20
N PRO A 102 1.95 17.32 3.44
CA PRO A 102 2.78 17.94 4.46
C PRO A 102 3.83 17.18 5.24
N LEU A 103 4.19 15.96 4.83
CA LEU A 103 5.15 15.23 5.68
C LEU A 103 6.58 15.52 5.20
N PRO A 104 7.48 16.08 6.05
CA PRO A 104 8.86 16.27 5.63
C PRO A 104 9.41 15.01 5.01
N SER A 105 9.05 13.86 5.58
CA SER A 105 9.56 12.56 5.10
C SER A 105 9.11 12.30 3.67
N ARG A 106 8.04 12.96 3.25
CA ARG A 106 7.47 12.65 1.91
C ARG A 106 6.88 11.24 2.02
N SER A 107 6.42 10.87 3.22
CA SER A 107 5.80 9.55 3.41
C SER A 107 4.35 9.60 2.94
N TYR A 108 3.67 8.46 2.89
CA TYR A 108 2.28 8.42 2.36
C TYR A 108 1.29 8.03 3.45
N LEU A 109 0.06 8.55 3.37
CA LEU A 109 -1.01 8.23 4.32
C LEU A 109 -2.33 8.04 3.56
N PHE A 110 -3.01 6.94 3.87
CA PHE A 110 -4.35 6.68 3.35
C PHE A 110 -5.32 6.52 4.52
N SER A 111 -6.34 7.37 4.58
CA SER A 111 -7.37 7.25 5.60
C SER A 111 -8.10 5.92 5.45
N LEU A 112 -8.36 5.27 6.58
CA LEU A 112 -9.08 4.00 6.62
C LEU A 112 -10.46 4.24 7.20
N PRO A 113 -11.53 3.98 6.44
CA PRO A 113 -12.86 4.45 6.86
C PRO A 113 -13.39 3.73 8.08
N VAL A 114 -14.38 4.35 8.70
CA VAL A 114 -15.17 3.75 9.77
C VAL A 114 -16.60 3.67 9.25
N ASP A 115 -16.95 2.53 8.66
CA ASP A 115 -18.24 2.38 7.98
C ASP A 115 -18.95 1.07 8.34
N GLY A 116 -18.47 0.33 9.33
CA GLY A 116 -19.14 -0.89 9.74
C GLY A 116 -18.94 -2.07 8.82
N LYS A 117 -17.84 -2.10 8.07
CA LYS A 117 -17.50 -3.20 7.19
C LYS A 117 -15.99 -3.38 7.17
N PRO A 118 -15.51 -4.61 6.97
CA PRO A 118 -14.07 -4.84 6.84
C PRO A 118 -13.52 -4.31 5.53
N MET A 119 -12.24 -4.57 5.22
CA MET A 119 -11.65 -3.96 4.03
C MET A 119 -10.40 -4.71 3.61
N THR A 120 -10.07 -4.60 2.32
CA THR A 120 -8.86 -5.19 1.77
C THR A 120 -8.13 -4.14 0.93
N LEU A 121 -6.87 -3.91 1.26
CA LEU A 121 -6.02 -2.92 0.62
C LEU A 121 -5.06 -3.59 -0.34
N TYR A 122 -4.88 -2.99 -1.52
CA TYR A 122 -3.89 -3.44 -2.48
C TYR A 122 -3.03 -2.25 -2.88
N VAL A 123 -1.71 -2.43 -2.83
CA VAL A 123 -0.77 -1.38 -3.17
C VAL A 123 0.27 -1.97 -4.11
N ARG A 124 0.50 -1.30 -5.24
CA ARG A 124 1.49 -1.71 -6.23
C ARG A 124 2.65 -0.71 -6.25
N MET A 125 3.86 -1.24 -6.12
CA MET A 125 5.06 -0.41 -6.10
C MET A 125 6.07 -0.92 -7.14
N THR A 126 6.62 0.01 -7.92
CA THR A 126 7.64 -0.26 -8.92
C THR A 126 8.66 0.86 -8.91
N SER A 127 9.88 0.54 -9.33
CA SER A 127 10.97 1.52 -9.34
C SER A 127 12.12 0.99 -10.19
N ASN A 128 13.02 1.91 -10.55
CA ASN A 128 14.28 1.58 -11.19
C ASN A 128 15.43 1.55 -10.19
N HIS A 129 15.12 1.71 -8.91
CA HIS A 129 16.05 1.71 -7.79
C HIS A 129 15.66 0.59 -6.84
N PRO A 130 16.43 0.31 -5.78
CA PRO A 130 15.99 -0.71 -4.82
C PRO A 130 14.64 -0.37 -4.20
N LEU A 131 13.80 -1.40 -4.07
CA LEU A 131 12.43 -1.23 -3.58
C LEU A 131 12.40 -1.27 -2.05
N MET A 132 12.92 -0.21 -1.45
CA MET A 132 12.77 0.00 -0.01
C MET A 132 11.37 0.47 0.29
N ALA A 133 10.80 -0.05 1.39
CA ALA A 133 9.45 0.33 1.80
C ALA A 133 9.20 -0.13 3.22
N TRP A 134 8.55 0.74 4.00
CA TRP A 134 8.01 0.41 5.31
C TRP A 134 6.54 0.79 5.32
N PHE A 135 5.75 0.10 6.14
CA PHE A 135 4.32 0.38 6.17
C PHE A 135 3.74 -0.09 7.50
N ASP A 136 2.61 0.52 7.87
CA ASP A 136 1.87 0.13 9.07
C ASP A 136 0.56 0.92 9.16
N GLN A 137 -0.35 0.42 9.98
CA GLN A 137 -1.53 1.16 10.36
C GLN A 137 -1.22 1.99 11.61
N ILE A 138 -1.70 3.23 11.62
CA ILE A 138 -1.44 4.17 12.70
C ILE A 138 -2.72 4.90 13.04
N ASP A 139 -2.85 5.30 14.30
CA ASP A 139 -3.97 6.13 14.74
C ASP A 139 -3.51 7.59 14.87
N GLU A 140 -4.28 8.39 15.62
CA GLU A 140 -3.93 9.80 15.80
C GLU A 140 -2.67 9.96 16.64
N ALA A 141 -2.47 9.08 17.62
CA ALA A 141 -1.25 9.12 18.43
C ALA A 141 -0.01 9.02 17.57
N GLY A 142 -0.10 8.30 16.46
CA GLY A 142 1.02 8.22 15.53
C GLY A 142 1.04 9.36 14.55
N LEU A 143 -0.16 9.76 14.09
CA LEU A 143 -0.25 10.85 13.11
C LEU A 143 0.40 12.12 13.64
N VAL A 144 0.12 12.49 14.90
CA VAL A 144 0.67 13.72 15.45
C VAL A 144 2.18 13.68 15.59
N GLY A 145 2.81 12.52 15.42
CA GLY A 145 4.25 12.38 15.54
C GLY A 145 5.02 12.09 14.28
N LEU A 146 4.38 12.14 13.11
CA LEU A 146 5.10 11.86 11.88
C LEU A 146 5.99 13.03 11.48
N GLU A 147 7.08 12.71 10.78
CA GLU A 147 8.00 13.73 10.28
C GLU A 147 8.47 13.36 8.88
OAC E5E B . 6.77 10.21 -1.96
CAJ E5E B . 5.78 11.18 -2.13
CAG E5E B . 5.13 11.72 -1.03
CAI E5E B . 5.44 11.59 -3.40
OAB E5E B . 6.09 11.05 -4.51
CAE E5E B . 4.45 12.54 -3.57
CAF E5E B . 3.81 13.08 -2.48
CAK E5E B . 4.15 12.67 -1.19
CAL E5E B . 3.45 13.26 0.01
OAD E5E B . 2.86 14.49 -0.35
CAH E5E B . 2.37 12.30 0.49
NAA E5E B . 2.02 12.64 1.85
#